data_5X80
#
_entry.id   5X80
#
_cell.length_a   57.970
_cell.length_b   44.150
_cell.length_c   122.160
_cell.angle_alpha   90.00
_cell.angle_beta   90.42
_cell.angle_gamma   90.00
#
_symmetry.space_group_name_H-M   'P 1 21 1'
#
loop_
_entity.id
_entity.type
_entity.pdbx_description
1 polymer 'Uncharacterized HTH-type transcriptional regulator Rv2887'
2 non-polymer '2-HYDROXYBENZOIC ACID'
3 non-polymer 'SULFATE ION'
4 water water
#
_entity_poly.entity_id   1
_entity_poly.type   'polypeptide(L)'
_entity_poly.pdbx_seq_one_letter_code
;MGSSHHHHHHSSGLVPRGSHMMGLADDAPLGYLLYRVGAVLRPEVSAALSPLGLTLPEFVCLRMLSQSPGLSSAELARHA
SVTPQAMNTVLRKLEDAGAVARPASVSSGRSLPATLTARGRALAKRAEAVVRAADARVLARLTAPQQREFKRMLEKLGSD
;
_entity_poly.pdbx_strand_id   A,B,C,D
#
loop_
_chem_comp.id
_chem_comp.type
_chem_comp.name
_chem_comp.formula
SAL non-polymer '2-HYDROXYBENZOIC ACID' 'C7 H6 O3'
SO4 non-polymer 'SULFATE ION' 'O4 S -2'
#
# COMPACT_ATOMS: atom_id res chain seq x y z
N MET A 22 -17.97 -4.78 15.75
CA MET A 22 -19.08 -5.05 14.84
C MET A 22 -19.73 -3.77 14.34
N GLY A 23 -19.93 -3.68 13.03
CA GLY A 23 -20.48 -2.51 12.40
C GLY A 23 -19.43 -1.70 11.67
N LEU A 24 -19.72 -0.40 11.50
CA LEU A 24 -18.85 0.47 10.73
C LEU A 24 -17.48 0.62 11.36
N ALA A 25 -17.39 0.45 12.68
CA ALA A 25 -16.13 0.64 13.41
C ALA A 25 -15.23 -0.59 13.39
N ASP A 26 -15.54 -1.60 12.59
CA ASP A 26 -14.74 -2.82 12.55
C ASP A 26 -13.44 -2.57 11.79
N ASP A 27 -12.31 -2.85 12.44
CA ASP A 27 -10.98 -2.58 11.88
C ASP A 27 -10.87 -1.11 11.45
N ALA A 28 -11.39 -0.23 12.28
CA ALA A 28 -11.51 1.19 11.97
C ALA A 28 -10.15 1.85 11.88
N PRO A 29 -9.77 2.41 10.73
CA PRO A 29 -8.49 3.12 10.63
C PRO A 29 -8.51 4.36 11.51
N LEU A 30 -7.31 4.86 11.81
CA LEU A 30 -7.19 6.00 12.72
C LEU A 30 -7.92 7.22 12.20
N GLY A 31 -7.84 7.48 10.89
CA GLY A 31 -8.54 8.62 10.32
C GLY A 31 -10.05 8.56 10.49
N TYR A 32 -10.61 7.36 10.43
CA TYR A 32 -12.05 7.22 10.61
C TYR A 32 -12.46 7.52 12.05
N LEU A 33 -11.70 6.99 13.02
CA LEU A 33 -11.98 7.27 14.43
C LEU A 33 -11.86 8.76 14.73
N LEU A 34 -10.79 9.38 14.24
CA LEU A 34 -10.62 10.82 14.40
C LEU A 34 -11.81 11.55 13.80
N TYR A 35 -12.26 11.13 12.62
CA TYR A 35 -13.41 11.76 11.99
C TYR A 35 -14.66 11.60 12.84
N ARG A 36 -14.81 10.45 13.51
CA ARG A 36 -15.98 10.23 14.33
C ARG A 36 -16.01 11.16 15.54
N VAL A 37 -14.85 11.34 16.19
CA VAL A 37 -14.79 12.31 17.28
C VAL A 37 -15.12 13.71 16.77
N GLY A 38 -14.56 14.08 15.61
CA GLY A 38 -14.91 15.36 15.02
C GLY A 38 -16.41 15.49 14.76
N ALA A 39 -17.05 14.39 14.35
CA ALA A 39 -18.48 14.43 14.04
C ALA A 39 -19.32 14.58 15.30
N VAL A 40 -18.82 14.09 16.44
CA VAL A 40 -19.49 14.42 17.69
C VAL A 40 -19.26 15.87 18.06
N LEU A 41 -18.05 16.39 17.82
CA LEU A 41 -17.65 17.67 18.38
C LEU A 41 -18.27 18.87 17.64
N ARG A 42 -18.35 18.82 16.30
CA ARG A 42 -18.76 19.99 15.52
C ARG A 42 -20.15 20.50 15.83
N PRO A 43 -21.19 19.68 15.93
CA PRO A 43 -22.51 20.25 16.25
C PRO A 43 -22.54 20.92 17.60
N GLU A 44 -21.80 20.39 18.58
CA GLU A 44 -21.80 20.99 19.91
C GLU A 44 -21.05 22.30 19.91
N VAL A 45 -19.97 22.38 19.15
CA VAL A 45 -19.24 23.64 19.02
C VAL A 45 -20.09 24.69 18.32
N SER A 46 -20.77 24.30 17.23
CA SER A 46 -21.61 25.24 16.51
C SER A 46 -22.75 25.74 17.39
N ALA A 47 -23.42 24.83 18.10
CA ALA A 47 -24.50 25.22 18.99
C ALA A 47 -24.00 26.13 20.10
N ALA A 48 -22.78 25.88 20.59
CA ALA A 48 -22.21 26.75 21.61
C ALA A 48 -21.87 28.13 21.06
N LEU A 49 -21.50 28.21 19.78
CA LEU A 49 -21.10 29.48 19.17
C LEU A 49 -22.30 30.30 18.73
N SER A 50 -23.43 29.65 18.47
CA SER A 50 -24.61 30.35 17.93
C SER A 50 -25.02 31.58 18.72
N PRO A 51 -25.09 31.61 20.04
CA PRO A 51 -25.52 32.83 20.75
C PRO A 51 -24.58 34.03 20.57
N LEU A 52 -23.39 33.84 20.04
CA LEU A 52 -22.49 34.95 19.77
C LEU A 52 -22.50 35.39 18.31
N GLY A 53 -23.38 34.82 17.50
CA GLY A 53 -23.42 35.17 16.10
C GLY A 53 -22.31 34.60 15.26
N LEU A 54 -21.71 33.49 15.68
CA LEU A 54 -20.58 32.89 14.99
C LEU A 54 -20.93 31.47 14.53
N THR A 55 -20.39 31.11 13.38
CA THR A 55 -20.35 29.73 12.92
C THR A 55 -18.99 29.13 13.26
N LEU A 56 -18.91 27.80 13.12
CA LEU A 56 -17.63 27.13 13.30
C LEU A 56 -16.54 27.68 12.39
N PRO A 57 -16.74 27.80 11.06
CA PRO A 57 -15.66 28.35 10.22
C PRO A 57 -15.23 29.75 10.63
N GLU A 58 -16.19 30.60 11.04
CA GLU A 58 -15.84 31.95 11.49
C GLU A 58 -14.99 31.92 12.75
N PHE A 59 -15.30 31.01 13.67
CA PHE A 59 -14.48 30.91 14.88
C PHE A 59 -13.09 30.40 14.56
N VAL A 60 -12.99 29.38 13.71
CA VAL A 60 -11.68 28.90 13.29
C VAL A 60 -10.87 30.05 12.72
N CYS A 61 -11.49 30.84 11.84
CA CYS A 61 -10.81 31.99 11.24
C CYS A 61 -10.36 32.97 12.31
N LEU A 62 -11.24 33.29 13.28
CA LEU A 62 -10.89 34.23 14.33
C LEU A 62 -9.69 33.75 15.13
N ARG A 63 -9.73 32.52 15.62
CA ARG A 63 -8.66 32.00 16.48
C ARG A 63 -7.34 31.95 15.71
N MET A 64 -7.38 31.40 14.50
CA MET A 64 -6.14 31.23 13.75
C MET A 64 -5.54 32.58 13.36
N LEU A 65 -6.40 33.54 13.03
CA LEU A 65 -5.92 34.88 12.75
C LEU A 65 -5.42 35.58 14.00
N SER A 66 -5.97 35.22 15.16
CA SER A 66 -5.51 35.82 16.41
C SER A 66 -4.11 35.36 16.75
N GLN A 67 -3.72 34.17 16.29
CA GLN A 67 -2.34 33.77 16.53
C GLN A 67 -1.44 33.93 15.31
N SER A 68 -1.96 33.87 14.10
CA SER A 68 -1.15 33.99 12.89
C SER A 68 -1.78 35.00 11.92
N PRO A 69 -1.38 36.27 12.01
CA PRO A 69 -1.92 37.28 11.10
C PRO A 69 -1.58 36.98 9.65
N GLY A 70 -2.48 37.39 8.76
CA GLY A 70 -2.25 37.24 7.34
C GLY A 70 -2.05 35.80 6.89
N LEU A 71 -3.05 34.96 7.15
CA LEU A 71 -3.01 33.56 6.77
C LEU A 71 -3.85 33.37 5.52
N SER A 72 -3.33 32.60 4.57
CA SER A 72 -4.01 32.48 3.29
C SER A 72 -5.37 31.85 3.48
N SER A 73 -6.31 32.20 2.60
CA SER A 73 -7.65 31.63 2.68
C SER A 73 -7.63 30.12 2.53
N ALA A 74 -6.65 29.59 1.79
CA ALA A 74 -6.57 28.15 1.59
C ALA A 74 -6.30 27.42 2.89
N GLU A 75 -5.32 27.89 3.67
CA GLU A 75 -4.97 27.22 4.92
C GLU A 75 -6.09 27.37 5.94
N LEU A 76 -6.66 28.57 6.06
CA LEU A 76 -7.82 28.79 6.91
C LEU A 76 -8.96 27.84 6.53
N ALA A 77 -9.17 27.63 5.22
CA ALA A 77 -10.22 26.73 4.76
C ALA A 77 -9.90 25.29 5.12
N ARG A 78 -8.64 24.88 4.95
CA ARG A 78 -8.25 23.51 5.32
C ARG A 78 -8.47 23.25 6.79
N HIS A 79 -8.09 24.21 7.64
CA HIS A 79 -8.27 24.03 9.09
C HIS A 79 -9.75 24.00 9.46
N ALA A 80 -10.56 24.80 8.78
CA ALA A 80 -11.98 24.85 9.05
C ALA A 80 -12.74 23.77 8.29
N SER A 81 -12.04 22.92 7.54
CA SER A 81 -12.66 21.88 6.73
C SER A 81 -13.72 22.50 5.80
N VAL A 82 -13.32 23.52 5.03
CA VAL A 82 -14.27 24.24 4.20
C VAL A 82 -13.55 24.54 2.89
N THR A 83 -14.32 24.98 1.88
CA THR A 83 -13.70 25.39 0.63
C THR A 83 -13.06 26.76 0.76
N PRO A 84 -12.04 27.06 -0.06
CA PRO A 84 -11.45 28.41 -0.04
C PRO A 84 -12.44 29.50 -0.39
N GLN A 85 -13.42 29.22 -1.25
CA GLN A 85 -14.47 30.18 -1.55
C GLN A 85 -15.29 30.49 -0.29
N ALA A 86 -15.70 29.44 0.43
CA ALA A 86 -16.46 29.64 1.65
C ALA A 86 -15.65 30.38 2.70
N MET A 87 -14.34 30.10 2.78
CA MET A 87 -13.50 30.84 3.72
C MET A 87 -13.35 32.29 3.30
N ASN A 88 -13.35 32.57 2.00
CA ASN A 88 -13.34 33.96 1.55
C ASN A 88 -14.63 34.68 1.94
N THR A 89 -15.77 33.98 1.87
CA THR A 89 -17.01 34.55 2.35
C THR A 89 -16.96 34.80 3.85
N VAL A 90 -16.39 33.86 4.61
CA VAL A 90 -16.19 34.04 6.04
C VAL A 90 -15.34 35.28 6.30
N LEU A 91 -14.27 35.45 5.53
CA LEU A 91 -13.42 36.63 5.66
C LEU A 91 -14.22 37.92 5.40
N ARG A 92 -15.06 37.95 4.35
CA ARG A 92 -15.87 39.16 4.12
C ARG A 92 -16.83 39.42 5.26
N LYS A 93 -17.39 38.34 5.78
CA LYS A 93 -18.30 38.34 6.90
C LYS A 93 -17.67 38.92 8.17
N LEU A 94 -16.50 38.45 8.53
CA LEU A 94 -15.81 38.98 9.70
C LEU A 94 -15.32 40.42 9.47
N GLU A 95 -14.90 40.74 8.26
CA GLU A 95 -14.47 42.12 7.98
C GLU A 95 -15.65 43.09 8.04
N ASP A 96 -16.80 42.68 7.51
CA ASP A 96 -17.99 43.52 7.55
C ASP A 96 -18.46 43.74 8.98
N ALA A 97 -18.25 42.75 9.85
CA ALA A 97 -18.67 42.82 11.25
C ALA A 97 -17.66 43.54 12.14
N GLY A 98 -16.61 44.12 11.58
CA GLY A 98 -15.61 44.83 12.36
C GLY A 98 -14.71 43.97 13.22
N ALA A 99 -14.69 42.66 13.00
CA ALA A 99 -13.83 41.77 13.76
C ALA A 99 -12.47 41.57 13.09
N VAL A 100 -12.43 41.65 11.77
CA VAL A 100 -11.21 41.43 11.00
C VAL A 100 -10.99 42.65 10.10
N ALA A 101 -9.83 43.27 10.20
CA ALA A 101 -9.47 44.41 9.37
C ALA A 101 -8.36 44.08 8.38
N ARG A 102 -8.48 44.59 7.17
CA ARG A 102 -7.37 44.67 6.21
C ARG A 102 -7.25 46.14 5.87
N PRO A 103 -6.53 46.91 6.67
CA PRO A 103 -6.42 48.35 6.44
C PRO A 103 -5.47 48.65 5.29
N ALA A 104 -5.64 49.83 4.71
CA ALA A 104 -4.77 50.25 3.63
C ALA A 104 -3.38 50.53 4.16
N SER A 105 -2.37 50.21 3.34
CA SER A 105 -1.01 50.58 3.69
C SER A 105 -0.91 52.09 3.82
N VAL A 106 -0.29 52.55 4.91
CA VAL A 106 -0.29 53.96 5.24
C VAL A 106 0.52 54.78 4.24
N SER A 107 1.48 54.19 3.54
CA SER A 107 2.19 54.96 2.54
C SER A 107 2.56 54.23 1.26
N SER A 108 2.01 53.05 0.98
CA SER A 108 2.38 52.34 -0.23
C SER A 108 1.21 52.21 -1.21
N GLY A 109 0.10 51.61 -0.80
CA GLY A 109 -0.95 51.27 -1.73
C GLY A 109 -1.33 49.80 -1.63
N ARG A 110 -0.54 49.03 -0.88
CA ARG A 110 -0.90 47.65 -0.61
C ARG A 110 -1.96 47.57 0.48
N SER A 111 -2.43 46.36 0.74
CA SER A 111 -3.37 46.12 1.82
C SER A 111 -2.72 45.24 2.87
N LEU A 112 -2.93 45.60 4.14
CA LEU A 112 -2.22 44.92 5.21
C LEU A 112 -2.82 43.55 5.48
N PRO A 113 -2.02 42.61 5.98
CA PRO A 113 -2.53 41.26 6.25
C PRO A 113 -3.71 41.29 7.21
N ALA A 114 -4.60 40.32 7.05
CA ALA A 114 -5.79 40.23 7.88
C ALA A 114 -5.39 40.00 9.34
N THR A 115 -5.85 40.91 10.21
CA THR A 115 -5.58 40.82 11.64
C THR A 115 -6.86 41.16 12.40
N LEU A 116 -6.89 40.76 13.67
CA LEU A 116 -8.04 41.07 14.51
C LEU A 116 -7.98 42.51 15.02
N THR A 117 -9.15 43.13 15.09
CA THR A 117 -9.30 44.40 15.75
C THR A 117 -9.52 44.16 17.25
N ALA A 118 -9.70 45.24 18.02
CA ALA A 118 -10.04 45.08 19.42
C ALA A 118 -11.39 44.39 19.59
N ARG A 119 -12.35 44.72 18.71
CA ARG A 119 -13.66 44.07 18.78
C ARG A 119 -13.55 42.60 18.40
N GLY A 120 -12.71 42.29 17.42
CA GLY A 120 -12.47 40.89 17.08
C GLY A 120 -11.75 40.13 18.16
N ARG A 121 -10.90 40.80 18.94
CA ARG A 121 -10.20 40.11 20.01
C ARG A 121 -11.13 39.81 21.17
N ALA A 122 -11.99 40.77 21.54
CA ALA A 122 -12.98 40.50 22.58
C ALA A 122 -13.95 39.41 22.13
N LEU A 123 -14.41 39.50 20.88
CA LEU A 123 -15.26 38.48 20.30
C LEU A 123 -14.59 37.11 20.40
N ALA A 124 -13.30 37.04 20.07
CA ALA A 124 -12.58 35.76 20.12
C ALA A 124 -12.46 35.24 21.56
N LYS A 125 -12.35 36.15 22.53
CA LYS A 125 -12.26 35.74 23.93
C LYS A 125 -13.55 35.04 24.37
N ARG A 126 -14.71 35.64 24.05
CA ARG A 126 -15.99 34.98 24.38
C ARG A 126 -16.17 33.67 23.63
N ALA A 127 -15.86 33.68 22.33
CA ALA A 127 -16.00 32.47 21.52
C ALA A 127 -15.12 31.36 22.07
N GLU A 128 -13.88 31.68 22.45
CA GLU A 128 -13.03 30.64 23.00
C GLU A 128 -13.51 30.15 24.35
N ALA A 129 -14.17 31.01 25.14
CA ALA A 129 -14.78 30.53 26.38
C ALA A 129 -15.85 29.48 26.08
N VAL A 130 -16.82 29.81 25.22
CA VAL A 130 -17.90 28.85 24.96
C VAL A 130 -17.37 27.58 24.29
N VAL A 131 -16.36 27.72 23.42
CA VAL A 131 -15.82 26.55 22.73
C VAL A 131 -15.10 25.63 23.73
N ARG A 132 -14.37 26.22 24.68
CA ARG A 132 -13.75 25.42 25.73
C ARG A 132 -14.82 24.64 26.51
N ALA A 133 -15.93 25.30 26.85
CA ALA A 133 -16.99 24.57 27.56
C ALA A 133 -17.55 23.42 26.71
N ALA A 134 -17.75 23.68 25.40
CA ALA A 134 -18.25 22.63 24.52
C ALA A 134 -17.29 21.45 24.46
N ASP A 135 -15.99 21.72 24.39
CA ASP A 135 -15.01 20.64 24.45
C ASP A 135 -15.15 19.87 25.75
N ALA A 136 -15.40 20.57 26.86
CA ALA A 136 -15.63 19.88 28.12
C ALA A 136 -16.81 18.93 28.04
N ARG A 137 -17.87 19.34 27.35
CA ARG A 137 -19.03 18.45 27.26
C ARG A 137 -18.76 17.25 26.38
N VAL A 138 -17.96 17.41 25.33
CA VAL A 138 -17.60 16.25 24.51
C VAL A 138 -16.68 15.33 25.30
N LEU A 139 -15.74 15.89 26.06
CA LEU A 139 -14.77 15.15 26.84
C LEU A 139 -15.37 14.48 28.08
N ALA A 140 -16.60 14.88 28.48
CA ALA A 140 -17.20 14.33 29.71
C ALA A 140 -17.39 12.83 29.67
N ARG A 141 -17.27 12.22 28.50
CA ARG A 141 -17.35 10.77 28.39
C ARG A 141 -16.07 10.02 28.72
N LEU A 142 -15.01 10.73 29.07
CA LEU A 142 -13.83 10.14 29.68
C LEU A 142 -13.69 10.70 31.08
N THR A 143 -13.02 9.96 31.95
CA THR A 143 -12.73 10.49 33.27
C THR A 143 -11.70 11.62 33.17
N ALA A 144 -11.62 12.44 34.23
CA ALA A 144 -10.69 13.57 34.24
C ALA A 144 -9.25 13.14 33.97
N PRO A 145 -8.70 12.10 34.61
CA PRO A 145 -7.34 11.67 34.25
C PRO A 145 -7.25 11.22 32.82
N GLN A 146 -8.29 10.54 32.33
CA GLN A 146 -8.33 10.17 30.92
C GLN A 146 -8.37 11.41 30.04
N GLN A 147 -8.98 12.50 30.49
CA GLN A 147 -8.98 13.74 29.71
C GLN A 147 -7.57 14.32 29.61
N ARG A 148 -6.87 14.40 30.74
CA ARG A 148 -5.51 14.91 30.70
C ARG A 148 -4.62 14.02 29.84
N GLU A 149 -4.73 12.68 30.01
CA GLU A 149 -3.92 11.78 29.19
C GLU A 149 -4.21 11.98 27.73
N PHE A 150 -5.49 12.08 27.41
CA PHE A 150 -5.92 12.10 26.02
C PHE A 150 -5.43 13.34 25.31
N LYS A 151 -5.53 14.49 25.97
CA LYS A 151 -5.04 15.70 25.31
C LYS A 151 -3.52 15.70 25.20
N ARG A 152 -2.80 15.17 26.18
CA ARG A 152 -1.35 15.09 25.97
C ARG A 152 -1.01 14.15 24.81
N MET A 153 -1.72 13.04 24.69
CA MET A 153 -1.48 12.12 23.57
C MET A 153 -1.76 12.80 22.25
N LEU A 154 -2.87 13.53 22.16
CA LEU A 154 -3.14 14.33 20.98
C LEU A 154 -1.98 15.27 20.68
N GLU A 155 -1.41 15.89 21.71
CA GLU A 155 -0.34 16.84 21.47
C GLU A 155 0.92 16.14 20.94
N LYS A 156 1.22 14.92 21.44
CA LYS A 156 2.39 14.23 20.95
C LYS A 156 2.18 13.71 19.53
N LEU A 157 0.94 13.34 19.19
CA LEU A 157 0.65 12.85 17.85
C LEU A 157 0.70 13.93 16.79
N GLY A 158 0.49 15.19 17.14
CA GLY A 158 0.41 16.25 16.16
C GLY A 158 1.72 16.97 15.92
N LEU B 24 -6.29 34.99 22.50
CA LEU B 24 -5.53 34.46 23.63
C LEU B 24 -4.43 33.53 23.14
N ALA B 25 -3.24 33.67 23.74
CA ALA B 25 -2.05 32.98 23.24
C ALA B 25 -2.00 31.51 23.62
N ASP B 26 -2.77 31.09 24.63
CA ASP B 26 -2.64 29.76 25.22
C ASP B 26 -3.91 28.96 25.00
N ASP B 27 -4.45 29.01 23.78
CA ASP B 27 -5.71 28.34 23.45
C ASP B 27 -5.46 27.27 22.39
N ALA B 28 -5.68 26.02 22.78
CA ALA B 28 -5.68 24.91 21.82
C ALA B 28 -6.99 24.14 22.01
N PRO B 29 -8.00 24.43 21.20
CA PRO B 29 -9.26 23.68 21.30
C PRO B 29 -9.08 22.25 20.82
N LEU B 30 -10.03 21.40 21.21
CA LEU B 30 -9.95 20.00 20.84
C LEU B 30 -9.94 19.84 19.33
N GLY B 31 -10.78 20.60 18.62
CA GLY B 31 -10.83 20.50 17.17
C GLY B 31 -9.49 20.82 16.51
N TYR B 32 -8.74 21.76 17.11
CA TYR B 32 -7.43 22.08 16.57
C TYR B 32 -6.45 20.93 16.76
N LEU B 33 -6.47 20.31 17.95
CA LEU B 33 -5.59 19.16 18.20
C LEU B 33 -5.90 18.02 17.25
N LEU B 34 -7.18 17.69 17.09
CA LEU B 34 -7.59 16.69 16.11
C LEU B 34 -7.12 17.03 14.72
N TYR B 35 -7.24 18.31 14.33
CA TYR B 35 -6.80 18.68 12.98
C TYR B 35 -5.29 18.46 12.79
N ARG B 36 -4.47 18.75 13.82
CA ARG B 36 -3.03 18.53 13.70
C ARG B 36 -2.67 17.04 13.64
N VAL B 37 -3.35 16.22 14.45
CA VAL B 37 -3.13 14.78 14.28
C VAL B 37 -3.47 14.37 12.86
N GLY B 38 -4.58 14.88 12.33
CA GLY B 38 -4.92 14.63 10.95
C GLY B 38 -3.85 15.12 9.98
N ALA B 39 -3.21 16.26 10.30
CA ALA B 39 -2.19 16.82 9.41
C ALA B 39 -0.92 15.98 9.43
N VAL B 40 -0.64 15.32 10.55
CA VAL B 40 0.43 14.33 10.53
C VAL B 40 -0.01 13.10 9.76
N LEU B 41 -1.26 12.68 9.92
CA LEU B 41 -1.70 11.38 9.45
C LEU B 41 -1.90 11.32 7.93
N ARG B 42 -2.51 12.35 7.34
CA ARG B 42 -2.93 12.24 5.94
C ARG B 42 -1.76 12.09 4.97
N PRO B 43 -0.67 12.85 5.08
CA PRO B 43 0.46 12.61 4.16
C PRO B 43 1.08 11.24 4.30
N GLU B 44 1.13 10.67 5.50
CA GLU B 44 1.70 9.32 5.63
C GLU B 44 0.76 8.27 5.05
N VAL B 45 -0.55 8.46 5.19
CA VAL B 45 -1.49 7.53 4.57
C VAL B 45 -1.38 7.62 3.05
N SER B 46 -1.25 8.84 2.53
CA SER B 46 -1.11 9.02 1.08
C SER B 46 0.18 8.38 0.58
N ALA B 47 1.29 8.61 1.27
CA ALA B 47 2.56 8.01 0.87
C ALA B 47 2.50 6.50 0.95
N ALA B 48 1.80 5.97 1.96
CA ALA B 48 1.66 4.53 2.07
C ALA B 48 0.79 3.96 0.95
N LEU B 49 -0.21 4.71 0.51
CA LEU B 49 -1.12 4.23 -0.52
C LEU B 49 -0.53 4.37 -1.91
N SER B 50 0.40 5.32 -2.09
CA SER B 50 0.97 5.61 -3.41
C SER B 50 1.51 4.40 -4.12
N PRO B 51 2.26 3.47 -3.52
CA PRO B 51 2.75 2.31 -4.26
C PRO B 51 1.66 1.39 -4.79
N LEU B 52 0.41 1.56 -4.35
CA LEU B 52 -0.71 0.81 -4.91
C LEU B 52 -1.50 1.63 -5.91
N GLY B 53 -1.04 2.83 -6.25
CA GLY B 53 -1.75 3.66 -7.22
C GLY B 53 -3.02 4.28 -6.68
N LEU B 54 -3.10 4.47 -5.37
CA LEU B 54 -4.31 4.97 -4.72
C LEU B 54 -4.05 6.30 -4.03
N THR B 55 -5.05 7.16 -4.04
CA THR B 55 -5.08 8.34 -3.20
C THR B 55 -5.89 8.07 -1.93
N LEU B 56 -5.77 8.98 -0.97
CA LEU B 56 -6.60 8.90 0.23
C LEU B 56 -8.09 8.88 -0.10
N PRO B 57 -8.63 9.82 -0.90
CA PRO B 57 -10.07 9.75 -1.20
C PRO B 57 -10.49 8.44 -1.84
N GLU B 58 -9.65 7.86 -2.69
CA GLU B 58 -9.97 6.57 -3.28
C GLU B 58 -10.03 5.47 -2.22
N PHE B 59 -9.12 5.50 -1.24
CA PHE B 59 -9.20 4.51 -0.18
C PHE B 59 -10.45 4.70 0.68
N VAL B 60 -10.77 5.95 1.01
CA VAL B 60 -12.00 6.25 1.74
C VAL B 60 -13.19 5.65 1.00
N CYS B 61 -13.28 5.92 -0.31
CA CYS B 61 -14.38 5.43 -1.13
C CYS B 61 -14.42 3.91 -1.13
N LEU B 62 -13.27 3.26 -1.33
CA LEU B 62 -13.21 1.81 -1.39
C LEU B 62 -13.71 1.18 -0.09
N ARG B 63 -13.11 1.57 1.04
CA ARG B 63 -13.44 0.93 2.30
C ARG B 63 -14.89 1.19 2.70
N MET B 64 -15.33 2.46 2.63
CA MET B 64 -16.68 2.78 3.07
C MET B 64 -17.72 2.15 2.15
N LEU B 65 -17.43 2.05 0.85
CA LEU B 65 -18.35 1.34 -0.04
C LEU B 65 -18.34 -0.15 0.26
N SER B 66 -17.22 -0.68 0.75
CA SER B 66 -17.18 -2.09 1.14
C SER B 66 -18.00 -2.33 2.40
N GLN B 67 -18.24 -1.28 3.20
CA GLN B 67 -19.08 -1.44 4.37
C GLN B 67 -20.52 -0.97 4.18
N SER B 68 -20.75 0.05 3.34
CA SER B 68 -22.09 0.60 3.12
C SER B 68 -22.32 0.80 1.63
N PRO B 69 -22.95 -0.16 0.96
CA PRO B 69 -23.19 -0.01 -0.48
C PRO B 69 -24.06 1.19 -0.79
N GLY B 70 -23.69 1.91 -1.85
CA GLY B 70 -24.47 3.06 -2.27
C GLY B 70 -24.40 4.25 -1.35
N LEU B 71 -23.37 4.33 -0.51
CA LEU B 71 -23.23 5.45 0.39
C LEU B 71 -23.05 6.72 -0.44
N SER B 72 -23.74 7.80 -0.04
CA SER B 72 -23.80 8.98 -0.90
C SER B 72 -22.43 9.60 -1.08
N SER B 73 -22.22 10.22 -2.24
CA SER B 73 -20.95 10.89 -2.51
C SER B 73 -20.72 12.05 -1.56
N ALA B 74 -21.79 12.66 -1.04
CA ALA B 74 -21.63 13.76 -0.10
C ALA B 74 -20.95 13.29 1.18
N GLU B 75 -21.42 12.17 1.75
CA GLU B 75 -20.80 11.66 2.97
C GLU B 75 -19.39 11.13 2.69
N LEU B 76 -19.20 10.41 1.58
CA LEU B 76 -17.83 10.00 1.22
C LEU B 76 -16.91 11.21 1.14
N ALA B 77 -17.37 12.30 0.55
CA ALA B 77 -16.56 13.51 0.45
C ALA B 77 -16.29 14.09 1.83
N ARG B 78 -17.30 14.07 2.71
CA ARG B 78 -17.11 14.56 4.07
C ARG B 78 -16.03 13.76 4.80
N HIS B 79 -16.04 12.43 4.64
CA HIS B 79 -15.05 11.59 5.29
C HIS B 79 -13.67 11.79 4.70
N ALA B 80 -13.58 11.95 3.37
CA ALA B 80 -12.29 12.07 2.69
C ALA B 80 -11.75 13.49 2.66
N SER B 81 -12.43 14.45 3.26
CA SER B 81 -12.04 15.87 3.26
C SER B 81 -11.82 16.38 1.83
N VAL B 82 -12.86 16.21 1.00
CA VAL B 82 -12.85 16.65 -0.39
C VAL B 82 -14.23 17.17 -0.73
N THR B 83 -14.31 17.90 -1.84
CA THR B 83 -15.61 18.39 -2.28
C THR B 83 -16.40 17.24 -2.93
N PRO B 84 -17.74 17.32 -2.89
CA PRO B 84 -18.55 16.25 -3.52
C PRO B 84 -18.26 16.07 -5.00
N GLN B 85 -17.90 17.15 -5.71
CA GLN B 85 -17.45 17.05 -7.09
C GLN B 85 -16.17 16.22 -7.21
N ALA B 86 -15.18 16.47 -6.35
CA ALA B 86 -13.96 15.68 -6.38
C ALA B 86 -14.22 14.21 -6.01
N MET B 87 -15.12 13.98 -5.06
CA MET B 87 -15.47 12.61 -4.71
C MET B 87 -16.22 11.91 -5.83
N ASN B 88 -17.03 12.66 -6.58
CA ASN B 88 -17.71 12.10 -7.74
C ASN B 88 -16.71 11.74 -8.83
N THR B 89 -15.66 12.55 -9.01
CA THR B 89 -14.59 12.17 -9.92
C THR B 89 -13.88 10.91 -9.43
N VAL B 90 -13.66 10.81 -8.13
CA VAL B 90 -13.08 9.59 -7.55
C VAL B 90 -13.96 8.38 -7.87
N LEU B 91 -15.27 8.53 -7.67
CA LEU B 91 -16.21 7.46 -7.99
C LEU B 91 -16.14 7.07 -9.45
N ARG B 92 -16.14 8.07 -10.35
CA ARG B 92 -16.10 7.77 -11.77
C ARG B 92 -14.81 7.06 -12.14
N LYS B 93 -13.69 7.43 -11.51
CA LYS B 93 -12.42 6.77 -11.82
C LYS B 93 -12.41 5.33 -11.32
N LEU B 94 -12.88 5.10 -10.10
CA LEU B 94 -12.93 3.74 -9.58
C LEU B 94 -13.91 2.87 -10.37
N GLU B 95 -15.00 3.46 -10.85
CA GLU B 95 -15.92 2.71 -11.70
C GLU B 95 -15.29 2.41 -13.06
N ASP B 96 -14.61 3.39 -13.65
CA ASP B 96 -13.95 3.17 -14.94
C ASP B 96 -12.83 2.14 -14.83
N ALA B 97 -12.20 2.05 -13.66
CA ALA B 97 -11.12 1.10 -13.44
C ALA B 97 -11.63 -0.29 -13.06
N GLY B 98 -12.94 -0.52 -13.10
CA GLY B 98 -13.51 -1.81 -12.76
C GLY B 98 -13.48 -2.17 -11.29
N ALA B 99 -13.23 -1.21 -10.39
CA ALA B 99 -13.19 -1.50 -8.97
C ALA B 99 -14.54 -1.32 -8.29
N VAL B 100 -15.37 -0.41 -8.79
CA VAL B 100 -16.69 -0.15 -8.23
C VAL B 100 -17.72 -0.34 -9.33
N ALA B 101 -18.67 -1.24 -9.12
CA ALA B 101 -19.74 -1.49 -10.07
C ALA B 101 -21.10 -1.16 -9.47
N ARG B 102 -22.01 -0.65 -10.30
CA ARG B 102 -23.43 -0.52 -9.99
C ARG B 102 -24.18 -1.59 -10.77
N PRO B 103 -24.48 -2.75 -10.17
CA PRO B 103 -25.02 -3.88 -10.91
C PRO B 103 -26.47 -3.78 -11.36
N ALA B 104 -26.97 -4.91 -11.86
CA ALA B 104 -28.19 -4.94 -12.66
C ALA B 104 -29.41 -4.48 -11.90
N SER B 105 -29.76 -5.19 -10.82
CA SER B 105 -31.06 -5.07 -10.15
C SER B 105 -32.19 -5.42 -11.14
N VAL B 106 -32.19 -6.69 -11.53
CA VAL B 106 -33.04 -7.21 -12.59
C VAL B 106 -34.52 -7.01 -12.33
N SER B 107 -34.91 -6.52 -11.14
CA SER B 107 -36.31 -6.21 -10.89
C SER B 107 -36.70 -4.82 -11.40
N SER B 108 -35.77 -3.87 -11.35
CA SER B 108 -36.08 -2.45 -11.56
C SER B 108 -35.35 -1.91 -12.78
N GLY B 109 -35.59 -0.63 -13.06
CA GLY B 109 -34.90 0.10 -14.10
C GLY B 109 -33.62 0.79 -13.63
N ARG B 110 -33.47 0.95 -12.32
CA ARG B 110 -32.28 1.57 -11.75
C ARG B 110 -31.34 0.49 -11.21
N SER B 111 -30.12 0.90 -10.90
CA SER B 111 -29.08 -0.03 -10.49
C SER B 111 -29.07 -0.20 -8.97
N LEU B 112 -28.40 -1.25 -8.53
CA LEU B 112 -28.18 -1.46 -7.11
C LEU B 112 -27.23 -0.39 -6.57
N PRO B 113 -27.22 -0.18 -5.25
CA PRO B 113 -26.23 0.72 -4.66
C PRO B 113 -24.81 0.39 -5.10
N ALA B 114 -23.98 1.43 -5.21
CA ALA B 114 -22.61 1.26 -5.66
C ALA B 114 -21.86 0.31 -4.74
N THR B 115 -21.23 -0.71 -5.34
CA THR B 115 -20.64 -1.80 -4.59
C THR B 115 -19.27 -2.13 -5.18
N LEU B 116 -18.46 -2.81 -4.38
CA LEU B 116 -17.14 -3.22 -4.80
C LEU B 116 -17.21 -4.48 -5.66
N THR B 117 -16.36 -4.52 -6.68
CA THR B 117 -16.17 -5.73 -7.48
C THR B 117 -15.15 -6.63 -6.82
N ALA B 118 -14.88 -7.78 -7.44
CA ALA B 118 -13.76 -8.61 -6.98
C ALA B 118 -12.44 -7.87 -7.14
N ARG B 119 -12.30 -7.10 -8.23
CA ARG B 119 -11.11 -6.29 -8.43
C ARG B 119 -10.95 -5.32 -7.28
N GLY B 120 -12.03 -4.59 -7.00
CA GLY B 120 -12.02 -3.59 -5.96
C GLY B 120 -11.93 -4.13 -4.55
N ARG B 121 -12.46 -5.32 -4.31
CA ARG B 121 -12.37 -5.87 -2.96
C ARG B 121 -10.96 -6.36 -2.66
N ALA B 122 -10.32 -7.03 -3.62
CA ALA B 122 -8.92 -7.38 -3.42
C ALA B 122 -8.08 -6.12 -3.25
N LEU B 123 -8.34 -5.12 -4.10
CA LEU B 123 -7.68 -3.82 -3.97
C LEU B 123 -7.89 -3.22 -2.59
N ALA B 124 -9.12 -3.24 -2.09
CA ALA B 124 -9.43 -2.66 -0.79
C ALA B 124 -8.74 -3.41 0.34
N LYS B 125 -8.58 -4.73 0.20
CA LYS B 125 -7.89 -5.49 1.25
C LYS B 125 -6.42 -5.08 1.33
N ARG B 126 -5.76 -4.99 0.17
CA ARG B 126 -4.36 -4.56 0.20
C ARG B 126 -4.22 -3.13 0.72
N ALA B 127 -5.11 -2.24 0.29
CA ALA B 127 -5.06 -0.86 0.77
C ALA B 127 -5.27 -0.80 2.28
N GLU B 128 -6.15 -1.65 2.81
CA GLU B 128 -6.39 -1.67 4.25
C GLU B 128 -5.17 -2.17 5.01
N ALA B 129 -4.42 -3.12 4.43
CA ALA B 129 -3.16 -3.52 5.05
C ALA B 129 -2.20 -2.34 5.12
N VAL B 130 -2.01 -1.66 3.99
CA VAL B 130 -1.06 -0.56 3.94
C VAL B 130 -1.46 0.58 4.88
N VAL B 131 -2.75 0.88 4.95
CA VAL B 131 -3.22 1.96 5.81
C VAL B 131 -3.08 1.59 7.28
N ARG B 132 -3.32 0.31 7.61
CA ARG B 132 -3.08 -0.17 8.96
C ARG B 132 -1.61 0.05 9.36
N ALA B 133 -0.69 -0.29 8.46
CA ALA B 133 0.73 -0.06 8.75
C ALA B 133 1.03 1.41 8.95
N ALA B 134 0.47 2.28 8.10
CA ALA B 134 0.72 3.72 8.24
C ALA B 134 0.22 4.24 9.58
N ASP B 135 -0.99 3.81 9.99
CA ASP B 135 -1.48 4.20 11.32
C ASP B 135 -0.55 3.70 12.41
N ALA B 136 0.04 2.50 12.24
CA ALA B 136 1.01 2.03 13.21
C ALA B 136 2.22 2.96 13.29
N ARG B 137 2.68 3.47 12.14
CA ARG B 137 3.84 4.37 12.19
C ARG B 137 3.50 5.72 12.81
N VAL B 138 2.27 6.22 12.60
CA VAL B 138 1.88 7.46 13.25
C VAL B 138 1.75 7.26 14.75
N LEU B 139 1.17 6.12 15.16
CA LEU B 139 0.98 5.83 16.57
C LEU B 139 2.28 5.46 17.27
N ALA B 140 3.35 5.19 16.53
CA ALA B 140 4.60 4.73 17.12
C ALA B 140 5.22 5.72 18.11
N ARG B 141 4.77 6.97 18.17
CA ARG B 141 5.31 7.88 19.17
C ARG B 141 4.66 7.70 20.54
N LEU B 142 3.76 6.74 20.67
CA LEU B 142 3.22 6.31 21.96
C LEU B 142 3.66 4.88 22.23
N THR B 143 3.71 4.53 23.52
CA THR B 143 3.96 3.14 23.85
C THR B 143 2.74 2.30 23.48
N ALA B 144 2.95 0.99 23.37
CA ALA B 144 1.86 0.09 23.00
C ALA B 144 0.66 0.22 23.93
N PRO B 145 0.79 0.20 25.26
CA PRO B 145 -0.40 0.44 26.10
C PRO B 145 -1.00 1.81 25.89
N GLN B 146 -0.17 2.84 25.69
CA GLN B 146 -0.71 4.14 25.35
C GLN B 146 -1.48 4.12 24.03
N GLN B 147 -1.04 3.30 23.08
CA GLN B 147 -1.76 3.22 21.81
C GLN B 147 -3.12 2.57 21.99
N ARG B 148 -3.15 1.44 22.71
CA ARG B 148 -4.42 0.76 22.97
C ARG B 148 -5.37 1.67 23.75
N GLU B 149 -4.87 2.34 24.79
CA GLU B 149 -5.71 3.22 25.57
C GLU B 149 -6.18 4.40 24.74
N PHE B 150 -5.31 4.94 23.88
CA PHE B 150 -5.69 6.07 23.04
C PHE B 150 -6.79 5.67 22.06
N LYS B 151 -6.71 4.46 21.51
CA LYS B 151 -7.75 4.01 20.61
C LYS B 151 -9.06 3.78 21.37
N ARG B 152 -8.97 3.28 22.62
CA ARG B 152 -10.18 3.14 23.41
C ARG B 152 -10.82 4.49 23.70
N MET B 153 -10.01 5.52 23.97
CA MET B 153 -10.55 6.85 24.20
C MET B 153 -11.22 7.40 22.95
N LEU B 154 -10.56 7.25 21.80
CA LEU B 154 -11.16 7.68 20.53
C LEU B 154 -12.50 6.98 20.30
N GLU B 155 -12.57 5.68 20.50
CA GLU B 155 -13.84 4.98 20.29
C GLU B 155 -14.87 5.46 21.30
N LYS B 156 -14.44 5.78 22.54
CA LYS B 156 -15.39 6.26 23.53
C LYS B 156 -15.90 7.67 23.20
N LEU B 157 -15.06 8.53 22.59
CA LEU B 157 -15.48 9.87 22.18
C LEU B 157 -16.33 9.90 20.92
N GLY B 158 -16.24 8.90 20.05
CA GLY B 158 -16.91 8.97 18.77
C GLY B 158 -18.29 8.35 18.69
N ALA C 28 5.51 -3.00 -11.72
CA ALA C 28 5.71 -4.43 -11.73
C ALA C 28 6.99 -4.79 -12.48
N PRO C 29 8.07 -5.07 -11.74
CA PRO C 29 9.33 -5.44 -12.39
C PRO C 29 9.20 -6.79 -13.08
N LEU C 30 10.11 -7.01 -14.03
CA LEU C 30 10.10 -8.24 -14.82
C LEU C 30 10.27 -9.47 -13.94
N GLY C 31 11.13 -9.37 -12.92
CA GLY C 31 11.33 -10.50 -12.03
C GLY C 31 10.06 -10.91 -11.30
N TYR C 32 9.24 -9.92 -10.93
CA TYR C 32 8.00 -10.25 -10.23
C TYR C 32 7.00 -10.94 -11.16
N LEU C 33 6.88 -10.46 -12.40
CA LEU C 33 6.00 -11.12 -13.36
C LEU C 33 6.46 -12.54 -13.64
N LEU C 34 7.76 -12.72 -13.84
CA LEU C 34 8.29 -14.07 -14.05
C LEU C 34 7.96 -14.96 -12.86
N TYR C 35 8.14 -14.44 -11.64
CA TYR C 35 7.84 -15.24 -10.46
C TYR C 35 6.35 -15.58 -10.40
N ARG C 36 5.48 -14.67 -10.86
CA ARG C 36 4.05 -14.96 -10.82
C ARG C 36 3.70 -16.10 -11.76
N VAL C 37 4.28 -16.08 -12.96
CA VAL C 37 4.10 -17.21 -13.87
C VAL C 37 4.61 -18.49 -13.25
N GLY C 38 5.79 -18.42 -12.62
CA GLY C 38 6.31 -19.59 -11.92
C GLY C 38 5.36 -20.08 -10.84
N ALA C 39 4.71 -19.15 -10.14
CA ALA C 39 3.83 -19.54 -9.05
C ALA C 39 2.56 -20.21 -9.56
N VAL C 40 2.11 -19.85 -10.76
CA VAL C 40 1.05 -20.64 -11.38
C VAL C 40 1.57 -22.00 -11.81
N LEU C 41 2.78 -22.05 -12.37
CA LEU C 41 3.24 -23.26 -13.03
C LEU C 41 3.60 -24.34 -12.02
N ARG C 42 4.18 -23.99 -10.87
CA ARG C 42 4.75 -25.02 -10.02
C ARG C 42 3.74 -25.99 -9.42
N PRO C 43 2.59 -25.56 -8.91
CA PRO C 43 1.62 -26.55 -8.40
C PRO C 43 1.12 -27.51 -9.46
N GLU C 44 0.96 -27.03 -10.69
CA GLU C 44 0.46 -27.91 -11.74
C GLU C 44 1.51 -28.93 -12.14
N VAL C 45 2.77 -28.53 -12.16
CA VAL C 45 3.85 -29.47 -12.44
C VAL C 45 3.94 -30.52 -11.34
N SER C 46 3.84 -30.09 -10.07
CA SER C 46 3.89 -31.04 -8.97
C SER C 46 2.73 -32.03 -9.04
N ALA C 47 1.51 -31.53 -9.28
CA ALA C 47 0.35 -32.41 -9.39
C ALA C 47 0.50 -33.38 -10.55
N ALA C 48 1.10 -32.93 -11.65
CA ALA C 48 1.32 -33.83 -12.77
C ALA C 48 2.37 -34.89 -12.44
N LEU C 49 3.35 -34.54 -11.60
CA LEU C 49 4.44 -35.47 -11.32
C LEU C 49 4.08 -36.49 -10.23
N SER C 50 3.14 -36.15 -9.35
CA SER C 50 2.81 -37.02 -8.22
C SER C 50 2.49 -38.47 -8.60
N PRO C 51 1.70 -38.76 -9.63
CA PRO C 51 1.40 -40.17 -9.93
C PRO C 51 2.61 -41.00 -10.35
N LEU C 52 3.76 -40.39 -10.63
CA LEU C 52 4.97 -41.13 -10.94
C LEU C 52 5.91 -41.25 -9.75
N GLY C 53 5.49 -40.79 -8.58
CA GLY C 53 6.35 -40.84 -7.42
C GLY C 53 7.45 -39.81 -7.41
N LEU C 54 7.28 -38.70 -8.12
CA LEU C 54 8.29 -37.66 -8.24
C LEU C 54 7.79 -36.35 -7.69
N THR C 55 8.70 -35.60 -7.06
CA THR C 55 8.48 -34.21 -6.73
C THR C 55 9.10 -33.33 -7.81
N LEU C 56 8.75 -32.05 -7.78
CA LEU C 56 9.38 -31.11 -8.71
C LEU C 56 10.90 -31.08 -8.57
N PRO C 57 11.50 -30.95 -7.36
CA PRO C 57 12.96 -30.97 -7.29
C PRO C 57 13.59 -32.23 -7.87
N GLU C 58 12.95 -33.38 -7.65
CA GLU C 58 13.47 -34.62 -8.20
C GLU C 58 13.41 -34.61 -9.73
N PHE C 59 12.34 -34.04 -10.28
CA PHE C 59 12.26 -33.93 -11.75
C PHE C 59 13.33 -33.00 -12.29
N VAL C 60 13.53 -31.86 -11.62
CA VAL C 60 14.61 -30.94 -12.03
C VAL C 60 15.93 -31.68 -12.05
N CYS C 61 16.22 -32.43 -10.97
CA CYS C 61 17.48 -33.18 -10.89
C CYS C 61 17.58 -34.18 -12.04
N LEU C 62 16.51 -34.94 -12.29
CA LEU C 62 16.53 -35.93 -13.36
C LEU C 62 16.80 -35.28 -14.70
N ARG C 63 16.01 -34.25 -15.05
CA ARG C 63 16.12 -33.64 -16.36
C ARG C 63 17.49 -33.02 -16.57
N MET C 64 17.99 -32.27 -15.58
CA MET C 64 19.29 -31.63 -15.75
C MET C 64 20.42 -32.64 -15.80
N LEU C 65 20.32 -33.71 -15.01
CA LEU C 65 21.33 -34.76 -15.06
C LEU C 65 21.26 -35.53 -16.37
N SER C 66 20.09 -35.60 -16.99
CA SER C 66 20.01 -36.32 -18.26
C SER C 66 20.78 -35.60 -19.35
N GLN C 67 20.94 -34.29 -19.25
CA GLN C 67 21.81 -33.64 -20.24
C GLN C 67 23.17 -33.20 -19.73
N SER C 68 23.33 -32.96 -18.43
CA SER C 68 24.63 -32.56 -17.89
C SER C 68 24.94 -33.52 -16.75
N PRO C 69 25.58 -34.65 -17.06
CA PRO C 69 25.94 -35.61 -16.02
C PRO C 69 26.93 -34.99 -15.04
N GLY C 70 27.06 -35.63 -13.89
CA GLY C 70 27.95 -35.18 -12.83
C GLY C 70 27.92 -33.69 -12.61
N LEU C 71 26.74 -33.18 -12.27
CA LEU C 71 26.51 -31.77 -12.03
C LEU C 71 26.40 -31.52 -10.52
N SER C 72 27.01 -30.41 -10.09
CA SER C 72 27.16 -30.15 -8.67
C SER C 72 25.81 -30.05 -7.99
N SER C 73 25.77 -30.45 -6.71
CA SER C 73 24.55 -30.35 -5.93
C SER C 73 24.11 -28.89 -5.77
N ALA C 74 25.07 -27.96 -5.72
CA ALA C 74 24.73 -26.55 -5.55
C ALA C 74 23.96 -26.02 -6.75
N GLU C 75 24.46 -26.27 -7.97
CA GLU C 75 23.78 -25.76 -9.15
C GLU C 75 22.42 -26.44 -9.36
N LEU C 76 22.36 -27.76 -9.19
CA LEU C 76 21.07 -28.44 -9.26
C LEU C 76 20.08 -27.84 -8.26
N ALA C 77 20.56 -27.54 -7.04
CA ALA C 77 19.70 -26.93 -6.04
C ALA C 77 19.24 -25.54 -6.46
N ARG C 78 20.14 -24.75 -7.04
CA ARG C 78 19.77 -23.42 -7.51
C ARG C 78 18.69 -23.50 -8.59
N HIS C 79 18.82 -24.46 -9.51
CA HIS C 79 17.80 -24.61 -10.54
C HIS C 79 16.48 -25.08 -9.95
N ALA C 80 16.53 -25.97 -8.96
CA ALA C 80 15.31 -26.51 -8.36
C ALA C 80 14.73 -25.65 -7.26
N SER C 81 15.33 -24.50 -6.97
CA SER C 81 14.89 -23.61 -5.89
C SER C 81 14.80 -24.37 -4.56
N VAL C 82 15.91 -25.01 -4.19
CA VAL C 82 16.00 -25.79 -2.97
C VAL C 82 17.40 -25.58 -2.39
N THR C 83 17.54 -25.93 -1.14
CA THR C 83 18.85 -25.82 -0.50
C THR C 83 19.75 -26.95 -0.98
N PRO C 84 21.07 -26.74 -0.94
CA PRO C 84 21.97 -27.85 -1.30
C PRO C 84 21.79 -29.07 -0.42
N GLN C 85 21.43 -28.88 0.86
CA GLN C 85 21.15 -30.03 1.71
C GLN C 85 19.93 -30.78 1.19
N ALA C 86 18.87 -30.04 0.86
CA ALA C 86 17.68 -30.67 0.30
C ALA C 86 17.99 -31.35 -1.03
N MET C 87 18.84 -30.73 -1.86
CA MET C 87 19.19 -31.36 -3.13
C MET C 87 20.01 -32.63 -2.91
N ASN C 88 20.84 -32.68 -1.88
CA ASN C 88 21.51 -33.94 -1.57
C ASN C 88 20.52 -34.99 -1.11
N THR C 89 19.46 -34.60 -0.40
CA THR C 89 18.42 -35.57 -0.09
C THR C 89 17.76 -36.08 -1.37
N VAL C 90 17.49 -35.17 -2.33
CA VAL C 90 16.91 -35.58 -3.61
C VAL C 90 17.81 -36.56 -4.34
N LEU C 91 19.08 -36.21 -4.47
CA LEU C 91 20.03 -37.08 -5.16
C LEU C 91 20.09 -38.46 -4.54
N ARG C 92 20.29 -38.51 -3.22
CA ARG C 92 20.46 -39.82 -2.58
C ARG C 92 19.13 -40.60 -2.57
N LYS C 93 17.96 -39.94 -2.61
CA LYS C 93 16.70 -40.69 -2.82
C LYS C 93 16.62 -41.27 -4.22
N LEU C 94 17.00 -40.49 -5.24
CA LEU C 94 16.98 -40.99 -6.61
C LEU C 94 17.98 -42.12 -6.80
N GLU C 95 19.09 -42.07 -6.07
CA GLU C 95 20.05 -43.16 -6.10
C GLU C 95 19.46 -44.41 -5.44
N ASP C 96 18.71 -44.24 -4.35
CA ASP C 96 18.11 -45.42 -3.73
C ASP C 96 17.09 -46.09 -4.64
N ALA C 97 16.40 -45.31 -5.49
CA ALA C 97 15.40 -45.83 -6.41
C ALA C 97 16.01 -46.34 -7.72
N GLY C 98 17.33 -46.34 -7.85
CA GLY C 98 17.96 -46.82 -9.06
C GLY C 98 17.86 -45.91 -10.25
N ALA C 99 17.50 -44.64 -10.06
CA ALA C 99 17.38 -43.70 -11.17
C ALA C 99 18.67 -42.97 -11.48
N VAL C 100 19.48 -42.70 -10.46
CA VAL C 100 20.75 -42.01 -10.60
C VAL C 100 21.82 -42.91 -10.00
N ALA C 101 22.86 -43.21 -10.76
CA ALA C 101 23.95 -44.04 -10.27
C ALA C 101 25.09 -43.18 -9.75
N ARG C 102 25.69 -43.62 -8.64
CA ARG C 102 26.96 -43.03 -8.25
C ARG C 102 26.98 -41.50 -8.20
N PRO C 113 30.60 -39.03 -10.30
CA PRO C 113 29.72 -38.07 -10.99
C PRO C 113 28.36 -38.68 -11.35
N ALA C 114 27.30 -38.01 -10.93
CA ALA C 114 25.95 -38.56 -11.06
C ALA C 114 25.52 -38.59 -12.52
N THR C 115 24.95 -39.72 -12.93
CA THR C 115 24.36 -39.90 -14.24
C THR C 115 23.11 -40.78 -14.10
N LEU C 116 22.26 -40.74 -15.11
CA LEU C 116 21.05 -41.56 -15.10
C LEU C 116 21.33 -42.99 -15.52
N THR C 117 20.62 -43.92 -14.87
CA THR C 117 20.58 -45.32 -15.27
C THR C 117 19.52 -45.51 -16.35
N ALA C 118 19.34 -46.75 -16.80
CA ALA C 118 18.25 -47.02 -17.76
C ALA C 118 16.90 -46.71 -17.14
N ARG C 119 16.75 -47.02 -15.86
CA ARG C 119 15.55 -46.67 -15.10
C ARG C 119 15.42 -45.16 -14.90
N GLY C 120 16.53 -44.46 -14.65
CA GLY C 120 16.43 -43.02 -14.58
C GLY C 120 16.06 -42.41 -15.91
N ARG C 121 16.46 -43.05 -17.01
CA ARG C 121 16.12 -42.50 -18.32
C ARG C 121 14.66 -42.75 -18.66
N ALA C 122 14.15 -43.96 -18.40
CA ALA C 122 12.73 -44.22 -18.65
C ALA C 122 11.85 -43.35 -17.77
N LEU C 123 12.17 -43.30 -16.48
CA LEU C 123 11.44 -42.44 -15.55
C LEU C 123 11.46 -40.99 -16.03
N ALA C 124 12.64 -40.50 -16.43
CA ALA C 124 12.73 -39.12 -16.90
C ALA C 124 11.90 -38.89 -18.15
N LYS C 125 11.79 -39.90 -19.01
CA LYS C 125 10.98 -39.76 -20.21
C LYS C 125 9.50 -39.59 -19.85
N ARG C 126 9.00 -40.42 -18.93
CA ARG C 126 7.60 -40.28 -18.55
C ARG C 126 7.36 -38.94 -17.85
N ALA C 127 8.28 -38.54 -16.97
CA ALA C 127 8.14 -37.27 -16.28
C ALA C 127 8.11 -36.11 -17.26
N GLU C 128 8.96 -36.15 -18.29
CA GLU C 128 8.96 -35.08 -19.28
C GLU C 128 7.65 -35.07 -20.08
N ALA C 129 7.04 -36.25 -20.29
CA ALA C 129 5.73 -36.26 -20.92
C ALA C 129 4.69 -35.51 -20.09
N VAL C 130 4.56 -35.87 -18.80
CA VAL C 130 3.53 -35.21 -17.99
C VAL C 130 3.85 -33.73 -17.81
N VAL C 131 5.12 -33.37 -17.71
CA VAL C 131 5.47 -31.95 -17.56
C VAL C 131 5.16 -31.18 -18.83
N ARG C 132 5.40 -31.78 -19.98
CA ARG C 132 5.00 -31.13 -21.23
C ARG C 132 3.50 -30.84 -21.24
N ALA C 133 2.71 -31.83 -20.82
CA ALA C 133 1.26 -31.61 -20.76
C ALA C 133 0.90 -30.51 -19.78
N ALA C 134 1.55 -30.48 -18.60
CA ALA C 134 1.26 -29.45 -17.62
C ALA C 134 1.58 -28.06 -18.16
N ASP C 135 2.72 -27.92 -18.85
CA ASP C 135 3.04 -26.65 -19.48
C ASP C 135 1.98 -26.29 -20.51
N ALA C 136 1.49 -27.28 -21.24
CA ALA C 136 0.39 -27.01 -22.17
C ALA C 136 -0.83 -26.49 -21.44
N ARG C 137 -1.11 -27.01 -20.24
CA ARG C 137 -2.27 -26.55 -19.48
C ARG C 137 -2.08 -25.12 -18.98
N VAL C 138 -0.86 -24.76 -18.61
CA VAL C 138 -0.60 -23.39 -18.19
C VAL C 138 -0.68 -22.44 -19.38
N LEU C 139 -0.12 -22.84 -20.52
CA LEU C 139 -0.09 -22.06 -21.74
C LEU C 139 -1.42 -22.01 -22.48
N ALA C 140 -2.39 -22.87 -22.14
CA ALA C 140 -3.64 -23.01 -22.89
C ALA C 140 -4.47 -21.74 -22.92
N ARG C 141 -4.15 -20.79 -22.05
CA ARG C 141 -4.80 -19.50 -21.95
C ARG C 141 -4.21 -18.49 -22.99
N LEU C 142 -3.28 -18.92 -23.85
CA LEU C 142 -2.77 -18.25 -25.05
C LEU C 142 -3.08 -19.10 -26.28
N THR C 143 -3.16 -18.44 -27.43
CA THR C 143 -3.34 -19.15 -28.69
C THR C 143 -2.06 -19.87 -29.10
N ALA C 144 -2.20 -20.82 -30.04
CA ALA C 144 -1.02 -21.55 -30.51
C ALA C 144 0.08 -20.64 -31.05
N PRO C 145 -0.21 -19.69 -31.94
CA PRO C 145 0.88 -18.77 -32.36
C PRO C 145 1.43 -17.96 -31.20
N GLN C 146 0.57 -17.54 -30.28
CA GLN C 146 1.04 -16.84 -29.08
C GLN C 146 1.93 -17.75 -28.24
N GLN C 147 1.65 -19.04 -28.18
CA GLN C 147 2.50 -19.94 -27.41
C GLN C 147 3.86 -20.14 -28.06
N ARG C 148 3.91 -20.39 -29.37
CA ARG C 148 5.21 -20.55 -30.01
C ARG C 148 6.02 -19.27 -29.90
N GLU C 149 5.37 -18.12 -30.13
CA GLU C 149 6.07 -16.84 -30.03
C GLU C 149 6.55 -16.58 -28.61
N PHE C 150 5.75 -16.97 -27.62
CA PHE C 150 6.15 -16.76 -26.23
C PHE C 150 7.35 -17.62 -25.89
N LYS C 151 7.40 -18.85 -26.40
CA LYS C 151 8.55 -19.69 -26.15
C LYS C 151 9.80 -19.16 -26.85
N ARG C 152 9.65 -18.62 -28.06
CA ARG C 152 10.79 -18.03 -28.74
C ARG C 152 11.31 -16.79 -28.01
N MET C 153 10.40 -15.96 -27.49
CA MET C 153 10.83 -14.79 -26.72
C MET C 153 11.56 -15.23 -25.46
N LEU C 154 11.03 -16.25 -24.78
CA LEU C 154 11.72 -16.81 -23.62
C LEU C 154 13.14 -17.26 -23.99
N GLU C 155 13.30 -17.98 -25.09
CA GLU C 155 14.62 -18.52 -25.40
C GLU C 155 15.61 -17.41 -25.76
N LYS C 156 15.15 -16.40 -26.50
CA LYS C 156 16.10 -15.34 -26.86
C LYS C 156 16.39 -14.42 -25.67
N LEU C 157 15.44 -14.25 -24.74
CA LEU C 157 15.74 -13.52 -23.52
C LEU C 157 16.67 -14.29 -22.59
N GLY C 158 16.68 -15.62 -22.68
CA GLY C 158 17.49 -16.41 -21.78
C GLY C 158 18.86 -16.78 -22.30
N SER C 159 19.18 -16.41 -23.53
CA SER C 159 20.45 -16.78 -24.15
C SER C 159 21.37 -15.57 -24.22
N ASP D 27 14.79 -31.41 -24.68
CA ASP D 27 13.64 -31.07 -23.84
C ASP D 27 13.82 -29.72 -23.17
N ALA D 28 12.98 -28.75 -23.55
CA ALA D 28 13.00 -27.43 -22.90
C ALA D 28 11.63 -27.19 -22.26
N PRO D 29 11.48 -27.53 -20.98
CA PRO D 29 10.23 -27.22 -20.29
C PRO D 29 10.10 -25.73 -19.98
N LEU D 30 8.86 -25.32 -19.73
CA LEU D 30 8.59 -23.91 -19.47
C LEU D 30 9.37 -23.44 -18.24
N GLY D 31 9.40 -24.26 -17.19
CA GLY D 31 10.13 -23.88 -15.99
C GLY D 31 11.62 -23.66 -16.24
N TYR D 32 12.20 -24.44 -17.15
CA TYR D 32 13.60 -24.28 -17.50
C TYR D 32 13.84 -22.97 -18.24
N LEU D 33 12.96 -22.63 -19.18
CA LEU D 33 13.08 -21.36 -19.89
C LEU D 33 12.95 -20.18 -18.92
N LEU D 34 11.96 -20.22 -18.03
CA LEU D 34 11.83 -19.19 -17.01
C LEU D 34 13.10 -19.08 -16.17
N TYR D 35 13.65 -20.21 -15.72
CA TYR D 35 14.87 -20.13 -14.93
C TYR D 35 16.01 -19.51 -15.72
N ARG D 36 16.07 -19.80 -17.03
CA ARG D 36 17.14 -19.24 -17.84
C ARG D 36 17.02 -17.72 -17.95
N VAL D 37 15.79 -17.23 -18.16
CA VAL D 37 15.57 -15.79 -18.16
C VAL D 37 15.97 -15.19 -16.83
N GLY D 38 15.59 -15.85 -15.73
CA GLY D 38 16.02 -15.38 -14.41
C GLY D 38 17.53 -15.33 -14.27
N ALA D 39 18.22 -16.31 -14.87
CA ALA D 39 19.68 -16.37 -14.73
C ALA D 39 20.36 -15.25 -15.51
N VAL D 40 19.77 -14.80 -16.62
CA VAL D 40 20.28 -13.59 -17.26
C VAL D 40 19.92 -12.35 -16.45
N LEU D 41 18.70 -12.32 -15.89
CA LEU D 41 18.18 -11.09 -15.32
C LEU D 41 18.81 -10.74 -13.97
N ARG D 42 19.04 -11.73 -13.11
CA ARG D 42 19.42 -11.41 -11.73
C ARG D 42 20.78 -10.70 -11.62
N PRO D 43 21.83 -11.09 -12.34
CA PRO D 43 23.09 -10.33 -12.27
C PRO D 43 22.96 -8.90 -12.77
N GLU D 44 22.11 -8.65 -13.76
CA GLU D 44 21.94 -7.28 -14.23
C GLU D 44 21.19 -6.44 -13.20
N VAL D 45 20.21 -7.03 -12.52
CA VAL D 45 19.51 -6.32 -11.46
C VAL D 45 20.47 -6.02 -10.30
N SER D 46 21.32 -6.99 -9.95
CA SER D 46 22.29 -6.77 -8.89
C SER D 46 23.25 -5.64 -9.25
N ALA D 47 23.74 -5.64 -10.50
CA ALA D 47 24.62 -4.57 -10.93
C ALA D 47 23.91 -3.22 -10.90
N ALA D 48 22.63 -3.19 -11.24
CA ALA D 48 21.89 -1.93 -11.18
C ALA D 48 21.71 -1.47 -9.75
N LEU D 49 21.58 -2.40 -8.80
CA LEU D 49 21.32 -2.02 -7.42
C LEU D 49 22.59 -1.64 -6.66
N SER D 50 23.75 -2.16 -7.08
CA SER D 50 24.99 -1.93 -6.36
C SER D 50 25.30 -0.47 -6.07
N PRO D 51 25.13 0.49 -7.00
CA PRO D 51 25.50 1.89 -6.67
C PRO D 51 24.69 2.52 -5.54
N LEU D 52 23.58 1.92 -5.12
CA LEU D 52 22.83 2.39 -3.95
C LEU D 52 23.06 1.53 -2.71
N GLY D 53 23.99 0.58 -2.76
CA GLY D 53 24.27 -0.24 -1.60
C GLY D 53 23.26 -1.33 -1.32
N LEU D 54 22.57 -1.82 -2.34
CA LEU D 54 21.50 -2.80 -2.17
C LEU D 54 21.84 -4.08 -2.92
N THR D 55 21.47 -5.20 -2.35
CA THR D 55 21.47 -6.47 -3.07
C THR D 55 20.07 -6.76 -3.61
N LEU D 56 20.01 -7.74 -4.51
CA LEU D 56 18.72 -8.20 -5.04
C LEU D 56 17.74 -8.63 -3.94
N PRO D 57 18.11 -9.48 -2.98
CA PRO D 57 17.14 -9.84 -1.93
C PRO D 57 16.64 -8.65 -1.14
N GLU D 58 17.50 -7.68 -0.87
CA GLU D 58 17.09 -6.48 -0.17
C GLU D 58 16.06 -5.70 -0.98
N PHE D 59 16.24 -5.63 -2.30
CA PHE D 59 15.26 -4.94 -3.13
C PHE D 59 13.93 -5.68 -3.13
N VAL D 60 13.96 -7.01 -3.28
CA VAL D 60 12.72 -7.79 -3.21
C VAL D 60 11.98 -7.48 -1.91
N CYS D 61 12.73 -7.50 -0.80
CA CYS D 61 12.13 -7.19 0.50
C CYS D 61 11.53 -5.78 0.51
N LEU D 62 12.27 -4.80 -0.01
CA LEU D 62 11.79 -3.41 -0.02
C LEU D 62 10.49 -3.28 -0.81
N ARG D 63 10.49 -3.72 -2.07
CA ARG D 63 9.32 -3.54 -2.92
C ARG D 63 8.10 -4.29 -2.39
N MET D 64 8.30 -5.56 -2.02
CA MET D 64 7.17 -6.36 -1.55
C MET D 64 6.64 -5.84 -0.23
N LEU D 65 7.52 -5.35 0.64
CA LEU D 65 7.05 -4.73 1.86
C LEU D 65 6.31 -3.44 1.56
N SER D 66 6.69 -2.75 0.47
CA SER D 66 5.96 -1.56 0.07
C SER D 66 4.59 -1.88 -0.50
N GLN D 67 4.40 -3.10 -1.03
CA GLN D 67 3.09 -3.47 -1.56
C GLN D 67 2.23 -4.25 -0.57
N SER D 68 2.82 -5.09 0.27
CA SER D 68 2.10 -5.90 1.25
C SER D 68 2.85 -5.84 2.58
N PRO D 69 2.47 -4.94 3.49
CA PRO D 69 3.24 -4.82 4.74
C PRO D 69 3.25 -6.08 5.60
N GLY D 70 2.14 -6.81 5.69
CA GLY D 70 2.16 -8.05 6.44
C GLY D 70 2.59 -9.21 5.58
N LEU D 71 3.87 -9.58 5.64
CA LEU D 71 4.37 -10.64 4.78
C LEU D 71 5.49 -11.40 5.48
N SER D 72 5.40 -12.72 5.48
CA SER D 72 6.32 -13.58 6.22
C SER D 72 7.71 -13.56 5.60
N SER D 73 8.73 -13.83 6.44
CA SER D 73 10.08 -13.97 5.93
C SER D 73 10.19 -15.13 4.95
N ALA D 74 9.36 -16.17 5.14
CA ALA D 74 9.40 -17.33 4.25
C ALA D 74 8.99 -16.95 2.83
N GLU D 75 7.87 -16.22 2.69
CA GLU D 75 7.42 -15.84 1.35
C GLU D 75 8.37 -14.85 0.71
N LEU D 76 8.83 -13.86 1.47
CA LEU D 76 9.86 -12.95 0.97
C LEU D 76 11.08 -13.71 0.48
N ALA D 77 11.49 -14.74 1.23
CA ALA D 77 12.63 -15.55 0.84
C ALA D 77 12.36 -16.32 -0.44
N ARG D 78 11.15 -16.86 -0.58
CA ARG D 78 10.77 -17.57 -1.81
C ARG D 78 10.81 -16.64 -3.01
N HIS D 79 10.32 -15.41 -2.86
CA HIS D 79 10.35 -14.46 -3.97
C HIS D 79 11.78 -14.06 -4.30
N ALA D 80 12.63 -13.91 -3.30
CA ALA D 80 14.01 -13.51 -3.51
C ALA D 80 14.91 -14.70 -3.82
N SER D 81 14.36 -15.92 -3.87
CA SER D 81 15.13 -17.14 -4.09
C SER D 81 16.29 -17.25 -3.09
N VAL D 82 15.94 -17.16 -1.81
CA VAL D 82 16.92 -17.18 -0.72
C VAL D 82 16.30 -17.94 0.45
N THR D 83 17.16 -18.35 1.41
CA THR D 83 16.63 -19.03 2.58
C THR D 83 15.97 -18.04 3.54
N PRO D 84 14.98 -18.50 4.33
CA PRO D 84 14.33 -17.60 5.30
C PRO D 84 15.28 -17.04 6.35
N GLN D 85 16.32 -17.81 6.70
CA GLN D 85 17.39 -17.32 7.57
C GLN D 85 18.17 -16.17 6.92
N ALA D 86 18.53 -16.33 5.65
CA ALA D 86 19.20 -15.24 4.92
C ALA D 86 18.27 -14.04 4.76
N MET D 87 16.98 -14.30 4.55
CA MET D 87 16.01 -13.20 4.48
C MET D 87 15.87 -12.50 5.81
N ASN D 88 16.03 -13.23 6.92
CA ASN D 88 16.02 -12.58 8.23
C ASN D 88 17.23 -11.67 8.40
N THR D 89 18.38 -12.11 7.89
CA THR D 89 19.56 -11.24 7.88
C THR D 89 19.32 -10.00 7.03
N VAL D 90 18.66 -10.18 5.88
CA VAL D 90 18.27 -9.03 5.07
C VAL D 90 17.39 -8.09 5.88
N LEU D 91 16.40 -8.66 6.59
CA LEU D 91 15.44 -7.83 7.32
C LEU D 91 16.10 -6.92 8.34
N ARG D 92 16.89 -7.50 9.27
CA ARG D 92 17.62 -6.74 10.30
C ARG D 92 18.72 -5.86 9.72
N LYS D 93 19.23 -6.20 8.53
CA LYS D 93 20.13 -5.25 7.85
C LYS D 93 19.37 -4.02 7.40
N LEU D 94 18.17 -4.21 6.83
CA LEU D 94 17.33 -3.08 6.47
C LEU D 94 16.83 -2.31 7.68
N GLU D 95 16.61 -3.02 8.80
CA GLU D 95 16.20 -2.38 10.03
C GLU D 95 17.34 -1.53 10.61
N ASP D 96 18.56 -2.06 10.55
CA ASP D 96 19.71 -1.29 11.04
C ASP D 96 19.95 -0.04 10.22
N ALA D 97 19.63 -0.06 8.93
CA ALA D 97 19.80 1.09 8.06
C ALA D 97 18.62 2.05 8.11
N GLY D 98 17.65 1.81 8.99
CA GLY D 98 16.50 2.70 9.09
C GLY D 98 15.52 2.62 7.95
N ALA D 99 15.58 1.57 7.13
CA ALA D 99 14.69 1.42 5.99
C ALA D 99 13.41 0.66 6.33
N VAL D 100 13.46 -0.26 7.28
CA VAL D 100 12.32 -1.08 7.65
C VAL D 100 12.04 -0.91 9.14
N ALA D 101 10.80 -0.56 9.47
CA ALA D 101 10.37 -0.46 10.86
C ALA D 101 10.55 -1.79 11.58
N ARG D 102 10.95 -1.72 12.84
CA ARG D 102 11.05 -2.85 13.76
C ARG D 102 9.74 -3.60 13.93
N PRO D 103 9.61 -4.80 13.32
CA PRO D 103 8.34 -5.52 13.39
C PRO D 103 8.09 -6.16 14.76
N PRO D 113 4.51 -6.10 12.59
CA PRO D 113 4.48 -6.16 11.12
C PRO D 113 5.57 -5.30 10.48
N ALA D 114 6.44 -5.91 9.69
CA ALA D 114 7.53 -5.17 9.06
C ALA D 114 6.97 -4.10 8.14
N THR D 115 7.42 -2.86 8.34
CA THR D 115 6.90 -1.71 7.61
C THR D 115 8.05 -0.92 7.04
N LEU D 116 7.77 -0.18 5.98
CA LEU D 116 8.77 0.73 5.42
C LEU D 116 8.71 2.04 6.18
N THR D 117 9.87 2.64 6.43
CA THR D 117 9.93 3.99 6.96
C THR D 117 9.87 4.97 5.79
N ALA D 118 9.93 6.27 6.10
CA ALA D 118 10.04 7.25 5.03
C ALA D 118 11.33 7.05 4.24
N ARG D 119 12.40 6.69 4.95
CA ARG D 119 13.67 6.43 4.28
C ARG D 119 13.59 5.17 3.42
N GLY D 120 12.88 4.15 3.92
CA GLY D 120 12.67 2.96 3.12
C GLY D 120 11.80 3.21 1.90
N ARG D 121 10.90 4.18 2.00
CA ARG D 121 10.04 4.49 0.85
C ARG D 121 10.83 5.23 -0.22
N ALA D 122 11.64 6.23 0.18
CA ALA D 122 12.47 6.93 -0.80
C ALA D 122 13.49 5.99 -1.43
N LEU D 123 14.18 5.21 -0.58
CA LEU D 123 15.14 4.22 -1.08
C LEU D 123 14.46 3.24 -2.03
N ALA D 124 13.27 2.76 -1.67
CA ALA D 124 12.57 1.81 -2.54
C ALA D 124 12.20 2.45 -3.87
N LYS D 125 11.89 3.75 -3.87
CA LYS D 125 11.59 4.44 -5.12
C LYS D 125 12.81 4.50 -6.03
N ARG D 126 13.97 4.91 -5.48
CA ARG D 126 15.16 4.98 -6.32
C ARG D 126 15.59 3.59 -6.81
N ALA D 127 15.54 2.59 -5.93
CA ALA D 127 15.88 1.23 -6.33
C ALA D 127 14.97 0.75 -7.44
N GLU D 128 13.68 1.09 -7.36
CA GLU D 128 12.77 0.69 -8.43
C GLU D 128 13.12 1.37 -9.74
N ALA D 129 13.63 2.60 -9.69
CA ALA D 129 14.09 3.24 -10.92
C ALA D 129 15.23 2.45 -11.56
N VAL D 130 16.29 2.16 -10.79
CA VAL D 130 17.42 1.45 -11.40
C VAL D 130 17.01 0.05 -11.86
N VAL D 131 16.11 -0.62 -11.13
CA VAL D 131 15.67 -1.95 -11.53
C VAL D 131 14.87 -1.88 -12.83
N ARG D 132 14.05 -0.84 -12.99
CA ARG D 132 13.39 -0.62 -14.28
C ARG D 132 14.41 -0.52 -15.41
N ALA D 133 15.49 0.24 -15.20
CA ALA D 133 16.50 0.36 -16.24
C ALA D 133 17.12 -1.01 -16.57
N ALA D 134 17.44 -1.80 -15.55
CA ALA D 134 18.01 -3.12 -15.80
C ALA D 134 17.05 -4.02 -16.58
N ASP D 135 15.76 -4.00 -16.23
CA ASP D 135 14.78 -4.77 -16.99
C ASP D 135 14.71 -4.31 -18.43
N ALA D 136 14.82 -3.00 -18.65
CA ALA D 136 14.87 -2.50 -20.03
C ALA D 136 16.07 -3.07 -20.77
N ARG D 137 17.20 -3.21 -20.09
CA ARG D 137 18.38 -3.75 -20.77
C ARG D 137 18.21 -5.23 -21.07
N VAL D 138 17.55 -5.99 -20.20
CA VAL D 138 17.30 -7.41 -20.50
C VAL D 138 16.30 -7.54 -21.64
N LEU D 139 15.24 -6.74 -21.62
CA LEU D 139 14.21 -6.78 -22.66
C LEU D 139 14.69 -6.20 -23.98
N ALA D 140 15.81 -5.48 -23.98
CA ALA D 140 16.33 -4.88 -25.20
C ALA D 140 16.68 -5.94 -26.23
N ARG D 141 16.68 -7.21 -25.85
CA ARG D 141 16.89 -8.31 -26.77
C ARG D 141 15.64 -8.67 -27.54
N LEU D 142 14.52 -8.00 -27.30
CA LEU D 142 13.32 -8.10 -28.11
C LEU D 142 13.02 -6.76 -28.76
N THR D 143 12.30 -6.81 -29.88
CA THR D 143 11.81 -5.59 -30.49
C THR D 143 10.67 -5.01 -29.64
N ALA D 144 10.37 -3.73 -29.87
CA ALA D 144 9.33 -3.06 -29.10
C ALA D 144 7.98 -3.79 -29.13
N PRO D 145 7.44 -4.19 -30.29
CA PRO D 145 6.18 -4.95 -30.24
C PRO D 145 6.33 -6.28 -29.55
N GLN D 146 7.48 -6.95 -29.74
CA GLN D 146 7.74 -8.19 -29.02
C GLN D 146 7.76 -7.96 -27.51
N GLN D 147 8.26 -6.80 -27.08
CA GLN D 147 8.27 -6.49 -25.65
C GLN D 147 6.85 -6.27 -25.14
N ARG D 148 6.03 -5.51 -25.88
CA ARG D 148 4.65 -5.30 -25.45
C ARG D 148 3.90 -6.62 -25.36
N GLU D 149 3.99 -7.45 -26.40
CA GLU D 149 3.27 -8.72 -26.40
C GLU D 149 3.80 -9.64 -25.30
N PHE D 150 5.12 -9.63 -25.08
CA PHE D 150 5.69 -10.49 -24.05
C PHE D 150 5.24 -10.08 -22.66
N LYS D 151 5.14 -8.78 -22.38
CA LYS D 151 4.66 -8.38 -21.07
C LYS D 151 3.19 -8.71 -20.88
N ARG D 152 2.38 -8.56 -21.94
CA ARG D 152 0.98 -8.96 -21.80
C ARG D 152 0.84 -10.46 -21.60
N MET D 153 1.68 -11.25 -22.29
CA MET D 153 1.64 -12.70 -22.10
C MET D 153 2.03 -13.08 -20.68
N LEU D 154 3.11 -12.48 -20.16
CA LEU D 154 3.49 -12.75 -18.76
C LEU D 154 2.35 -12.42 -17.79
N GLU D 155 1.74 -11.24 -17.92
CA GLU D 155 0.70 -10.84 -16.98
C GLU D 155 -0.52 -11.74 -17.10
N LYS D 156 -0.77 -12.16 -18.34
CA LYS D 156 -1.97 -12.90 -18.67
C LYS D 156 -1.83 -14.34 -18.18
N LEU D 157 -0.62 -14.89 -18.24
CA LEU D 157 -0.29 -16.22 -17.72
C LEU D 157 -0.12 -16.26 -16.22
N GLY D 158 0.18 -15.14 -15.58
CA GLY D 158 0.50 -15.13 -14.16
C GLY D 158 -0.69 -14.84 -13.26
C1' SAL E . -10.45 24.75 15.74
O1' SAL E . -10.43 25.48 16.76
O2' SAL E . -9.54 24.83 14.88
C1 SAL E . -11.56 23.77 15.56
C2 SAL E . -12.56 23.67 16.53
C3 SAL E . -13.59 22.76 16.37
C4 SAL E . -13.64 21.95 15.25
C5 SAL E . -12.64 22.04 14.29
C6 SAL E . -11.60 22.95 14.44
O2 SAL E . -12.50 24.48 17.63
S SO4 F . -21.00 11.96 8.62
O1 SO4 F . -19.99 12.72 7.90
O2 SO4 F . -22.24 11.93 7.85
O3 SO4 F . -21.24 12.59 9.92
O4 SO4 F . -20.53 10.59 8.82
S SO4 G . -25.96 13.03 3.13
O1 SO4 G . -26.07 14.36 3.72
O2 SO4 G . -25.68 13.15 1.70
O3 SO4 G . -27.21 12.29 3.33
O4 SO4 G . -24.86 12.30 3.77
C1' SAL H . -10.69 6.83 6.61
O1' SAL H . -11.89 7.20 6.63
O2' SAL H . -10.42 5.60 6.53
C1 SAL H . -9.59 7.83 6.68
C2 SAL H . -8.27 7.42 6.75
C3 SAL H . -7.25 8.34 6.83
C4 SAL H . -7.54 9.70 6.84
C5 SAL H . -8.87 10.12 6.76
C6 SAL H . -9.89 9.19 6.69
O2 SAL H . -7.97 6.08 6.75
C1' SAL I . 12.78 -27.29 -14.86
O1' SAL I . 13.93 -26.91 -14.51
O2' SAL I . 12.63 -28.13 -15.79
C1 SAL I . 11.58 -26.75 -14.17
C2 SAL I . 10.33 -27.26 -14.49
C3 SAL I . 9.20 -26.76 -13.86
C4 SAL I . 9.33 -25.75 -12.91
C5 SAL I . 10.59 -25.24 -12.60
C6 SAL I . 11.71 -25.74 -13.23
O2 SAL I . 10.22 -28.25 -15.42
C1' SAL J . 11.22 -9.06 -7.80
O1' SAL J . 11.19 -7.81 -7.59
O2' SAL J . 10.24 -9.78 -7.44
C1 SAL J . 12.40 -9.66 -8.48
C2 SAL J . 13.24 -8.86 -9.23
C3 SAL J . 14.35 -9.40 -9.86
C4 SAL J . 14.61 -10.76 -9.76
C5 SAL J . 13.76 -11.58 -9.02
C6 SAL J . 12.66 -11.03 -8.37
O2 SAL J . 12.98 -7.51 -9.32
#